data_6JCN
#
_entry.id   6JCN
#
_cell.length_a   57.328
_cell.length_b   82.671
_cell.length_c   131.835
_cell.angle_alpha   90.00
_cell.angle_beta   90.00
_cell.angle_gamma   90.00
#
_symmetry.space_group_name_H-M   'P 21 21 21'
#
loop_
_entity.id
_entity.type
_entity.pdbx_description
1 polymer 'Dehydrodolichyl diphosphate synthase complex subunit NUS1'
2 non-polymer 'SULFATE ION'
3 water water
#
_entity_poly.entity_id   1
_entity_poly.type   'polypeptide(L)'
_entity_poly.pdbx_seq_one_letter_code
;GAGAGAPLKKIPKRLAAILEVKPVGDVGGGVTGLLNDASEIVAWTVSAGIKHLMLYDYDGILQRNVPELRMEIHSNLAKY
FGPAHVPNYAVKIPHSNKIFYNLDGIETETDVGNEIEANQEKDKIAIEISLLSNRDGRETIVDLTKTMAELAAVNELSVS
DITMDLVDSELKQLVGPEPDLLLYFGPSLDLQGFPPWHIRLTEFYWEKDNNEVIYSVFIRGLRQYAGCKVNVGK
;
_entity_poly.pdbx_strand_id   A,B
#
loop_
_chem_comp.id
_chem_comp.type
_chem_comp.name
_chem_comp.formula
SO4 non-polymer 'SULFATE ION' 'O4 S -2'
#
# COMPACT_ATOMS: atom_id res chain seq x y z
N LYS A 10 -22.85 -5.04 -2.85
CA LYS A 10 -21.53 -5.46 -2.37
C LYS A 10 -20.83 -4.36 -1.55
N ILE A 11 -20.89 -4.48 -0.22
CA ILE A 11 -20.25 -3.53 0.67
C ILE A 11 -19.01 -4.16 1.29
N PRO A 12 -17.98 -3.38 1.58
CA PRO A 12 -16.82 -3.98 2.27
C PRO A 12 -17.23 -4.52 3.63
N LYS A 13 -16.66 -5.68 3.98
CA LYS A 13 -16.85 -6.20 5.32
C LYS A 13 -16.03 -5.40 6.33
N ARG A 14 -14.84 -4.96 5.92
CA ARG A 14 -13.92 -4.25 6.81
C ARG A 14 -13.48 -2.97 6.12
N LEU A 15 -13.74 -1.84 6.77
CA LEU A 15 -13.43 -0.53 6.23
C LEU A 15 -12.30 0.10 7.01
N ALA A 16 -11.43 0.83 6.33
CA ALA A 16 -10.38 1.59 6.98
C ALA A 16 -10.45 3.02 6.50
N ALA A 17 -10.01 3.95 7.36
CA ALA A 17 -9.86 5.34 6.93
C ALA A 17 -8.57 5.89 7.51
N ILE A 18 -7.84 6.64 6.69
CA ILE A 18 -6.68 7.39 7.17
C ILE A 18 -7.13 8.83 7.40
N LEU A 19 -6.92 9.33 8.62
CA LEU A 19 -7.28 10.70 8.98
C LEU A 19 -6.02 11.53 9.24
N GLU A 20 -6.10 12.80 8.87
CA GLU A 20 -5.01 13.76 9.12
C GLU A 20 -5.49 14.90 10.02
N VAL A 21 -4.67 15.26 11.00
CA VAL A 21 -5.03 16.41 11.82
C VAL A 21 -4.77 17.69 11.05
N LYS A 22 -5.62 18.70 11.24
CA LYS A 22 -5.58 19.92 10.45
C LYS A 22 -5.52 21.14 11.36
N PRO A 23 -5.08 22.28 10.85
CA PRO A 23 -4.94 23.47 11.71
C PRO A 23 -6.22 23.78 12.48
N VAL A 24 -6.04 24.10 13.76
CA VAL A 24 -7.15 24.34 14.67
C VAL A 24 -7.89 25.61 14.28
N GLY A 25 -7.23 26.53 13.58
CA GLY A 25 -7.91 27.73 13.13
C GLY A 25 -8.82 27.48 11.95
N ASP A 26 -8.63 26.35 11.27
CA ASP A 26 -9.53 25.99 10.19
C ASP A 26 -10.89 25.62 10.78
N VAL A 27 -11.94 25.74 9.97
CA VAL A 27 -13.26 25.35 10.43
C VAL A 27 -13.28 23.83 10.59
N GLY A 28 -13.61 23.37 11.78
CA GLY A 28 -13.57 21.95 12.06
C GLY A 28 -12.16 21.35 12.06
N GLY A 29 -11.18 22.09 12.57
CA GLY A 29 -9.81 21.63 12.59
C GLY A 29 -9.39 21.20 13.99
N GLY A 30 -8.08 20.99 14.14
CA GLY A 30 -7.53 20.62 15.42
C GLY A 30 -7.91 19.22 15.86
N VAL A 31 -7.57 18.93 17.12
CA VAL A 31 -7.84 17.62 17.70
C VAL A 31 -9.34 17.39 17.82
N THR A 32 -10.06 18.40 18.28
CA THR A 32 -11.51 18.26 18.34
C THR A 32 -12.08 17.98 16.95
N GLY A 33 -11.57 18.67 15.94
CA GLY A 33 -12.02 18.43 14.58
C GLY A 33 -11.70 17.01 14.13
N LEU A 34 -10.53 16.50 14.50
CA LEU A 34 -10.16 15.14 14.14
C LEU A 34 -11.11 14.13 14.76
N LEU A 35 -11.45 14.31 16.04
CA LEU A 35 -12.38 13.39 16.70
C LEU A 35 -13.78 13.49 16.08
N ASN A 36 -14.17 14.69 15.70
CA ASN A 36 -15.47 14.85 15.04
C ASN A 36 -15.49 14.12 13.69
N ASP A 37 -14.41 14.25 12.90
CA ASP A 37 -14.30 13.52 11.64
C ASP A 37 -14.37 12.01 11.86
N ALA A 38 -13.64 11.52 12.87
CA ALA A 38 -13.69 10.10 13.17
C ALA A 38 -15.11 9.64 13.49
N SER A 39 -15.83 10.44 14.30
CA SER A 39 -17.18 10.03 14.70
C SER A 39 -18.16 10.13 13.54
N GLU A 40 -17.95 11.09 12.64
CA GLU A 40 -18.75 11.11 11.42
C GLU A 40 -18.53 9.84 10.62
N ILE A 41 -17.26 9.44 10.46
CA ILE A 41 -16.99 8.21 9.70
C ILE A 41 -17.62 7.01 10.37
N VAL A 42 -17.60 6.96 11.72
CA VAL A 42 -18.26 5.87 12.43
C VAL A 42 -19.75 5.84 12.08
N ALA A 43 -20.43 6.99 12.16
CA ALA A 43 -21.87 7.01 11.89
C ALA A 43 -22.17 6.60 10.45
N TRP A 44 -21.38 7.07 9.51
CA TRP A 44 -21.57 6.70 8.11
C TRP A 44 -21.36 5.20 7.90
N THR A 45 -20.35 4.64 8.56
CA THR A 45 -20.04 3.21 8.43
C THR A 45 -21.16 2.35 9.00
N VAL A 46 -21.62 2.69 10.20
CA VAL A 46 -22.75 1.96 10.80
C VAL A 46 -23.96 2.07 9.90
N SER A 47 -24.25 3.29 9.39
CA SER A 47 -25.41 3.47 8.52
C SER A 47 -25.30 2.62 7.27
N ALA A 48 -24.09 2.35 6.79
CA ALA A 48 -23.98 1.52 5.60
C ALA A 48 -24.03 0.03 5.91
N GLY A 49 -24.16 -0.36 7.17
CA GLY A 49 -24.19 -1.76 7.53
C GLY A 49 -22.84 -2.40 7.74
N ILE A 50 -21.77 -1.62 7.78
CA ILE A 50 -20.41 -2.14 7.92
C ILE A 50 -20.09 -2.25 9.41
N LYS A 51 -19.61 -3.42 9.82
CA LYS A 51 -19.47 -3.72 11.26
C LYS A 51 -18.04 -3.66 11.77
N HIS A 52 -17.07 -3.40 10.90
CA HIS A 52 -15.66 -3.35 11.29
C HIS A 52 -15.02 -2.14 10.66
N LEU A 53 -14.41 -1.30 11.48
CA LEU A 53 -13.77 -0.08 11.00
C LEU A 53 -12.41 0.07 11.67
N MET A 54 -11.40 0.37 10.88
CA MET A 54 -10.11 0.79 11.38
C MET A 54 -9.93 2.27 11.10
N LEU A 55 -9.63 3.06 12.14
CA LEU A 55 -9.26 4.46 12.02
C LEU A 55 -7.76 4.60 12.31
N TYR A 56 -7.06 5.30 11.43
CA TYR A 56 -5.62 5.48 11.53
C TYR A 56 -5.31 6.97 11.51
N ASP A 57 -4.44 7.40 12.41
CA ASP A 57 -3.76 8.68 12.21
C ASP A 57 -2.31 8.52 12.63
N TYR A 58 -1.42 9.26 11.93
CA TYR A 58 0.00 8.98 12.01
C TYR A 58 0.50 8.99 13.45
N ASP A 59 0.18 10.04 14.22
CA ASP A 59 0.79 10.18 15.53
C ASP A 59 -0.01 9.55 16.66
N GLY A 60 -1.18 8.98 16.39
CA GLY A 60 -1.92 8.36 17.48
C GLY A 60 -2.72 9.32 18.32
N ILE A 61 -3.11 10.47 17.75
CA ILE A 61 -4.00 11.39 18.44
C ILE A 61 -5.28 10.68 18.86
N LEU A 62 -5.83 9.84 17.98
CA LEU A 62 -7.05 9.11 18.34
C LEU A 62 -6.79 8.23 19.56
N GLN A 63 -5.67 7.51 19.57
CA GLN A 63 -5.37 6.60 20.67
C GLN A 63 -5.18 7.35 21.99
N ARG A 64 -4.75 8.62 21.94
CA ARG A 64 -4.56 9.39 23.17
C ARG A 64 -5.79 10.17 23.62
N ASN A 65 -6.89 10.12 22.88
CA ASN A 65 -8.09 10.88 23.22
C ASN A 65 -9.32 9.98 23.24
N VAL A 66 -9.18 8.76 23.78
CA VAL A 66 -10.26 7.79 23.71
C VAL A 66 -11.51 8.24 24.44
N PRO A 67 -11.46 8.75 25.69
CA PRO A 67 -12.71 9.19 26.35
C PRO A 67 -13.53 10.17 25.51
N GLU A 68 -12.88 11.24 25.03
CA GLU A 68 -13.56 12.24 24.20
C GLU A 68 -14.06 11.62 22.90
N LEU A 69 -13.29 10.71 22.32
CA LEU A 69 -13.74 10.04 21.10
C LEU A 69 -15.02 9.24 21.36
N ARG A 70 -15.03 8.47 22.44
CA ARG A 70 -16.20 7.66 22.77
C ARG A 70 -17.43 8.51 22.97
N MET A 71 -17.25 9.68 23.60
CA MET A 71 -18.40 10.58 23.78
C MET A 71 -18.86 11.18 22.46
N GLU A 72 -17.92 11.56 21.58
CA GLU A 72 -18.31 12.12 20.28
C GLU A 72 -19.01 11.06 19.44
N ILE A 73 -18.53 9.81 19.49
CA ILE A 73 -19.19 8.74 18.75
C ILE A 73 -20.63 8.59 19.22
N HIS A 74 -20.84 8.54 20.53
CA HIS A 74 -22.20 8.40 21.02
C HIS A 74 -23.08 9.56 20.57
N SER A 75 -22.56 10.79 20.69
CA SER A 75 -23.32 11.97 20.30
C SER A 75 -23.70 11.92 18.82
N ASN A 76 -22.74 11.59 17.96
CA ASN A 76 -23.01 11.59 16.54
C ASN A 76 -23.96 10.48 16.15
N LEU A 77 -23.79 9.29 16.75
CA LEU A 77 -24.73 8.20 16.51
C LEU A 77 -26.13 8.60 16.93
N ALA A 78 -26.27 9.33 18.06
CA ALA A 78 -27.59 9.80 18.47
C ALA A 78 -28.20 10.75 17.45
N LYS A 79 -27.35 11.53 16.77
CA LYS A 79 -27.91 12.42 15.74
C LYS A 79 -28.46 11.62 14.56
N TYR A 80 -27.76 10.54 14.16
CA TYR A 80 -28.18 9.77 12.98
C TYR A 80 -29.31 8.78 13.29
N PHE A 81 -29.34 8.22 14.50
CA PHE A 81 -30.26 7.14 14.84
C PHE A 81 -31.31 7.54 15.86
N GLY A 82 -31.20 8.72 16.47
CA GLY A 82 -32.11 9.09 17.52
C GLY A 82 -31.50 8.72 18.86
N PRO A 83 -31.73 9.55 19.88
CA PRO A 83 -31.07 9.30 21.18
C PRO A 83 -31.45 7.98 21.82
N ALA A 84 -32.58 7.39 21.46
CA ALA A 84 -33.02 6.15 22.10
C ALA A 84 -32.58 4.90 21.35
N HIS A 85 -31.84 5.04 20.25
CA HIS A 85 -31.53 3.91 19.38
C HIS A 85 -30.07 3.96 18.94
N VAL A 86 -29.19 4.40 19.83
CA VAL A 86 -27.76 4.45 19.50
C VAL A 86 -27.25 3.02 19.31
N PRO A 87 -26.69 2.68 18.16
CA PRO A 87 -26.13 1.32 17.99
C PRO A 87 -25.02 1.10 19.00
N ASN A 88 -24.90 -0.16 19.45
CA ASN A 88 -23.82 -0.51 20.35
C ASN A 88 -22.50 -0.52 19.61
N TYR A 89 -21.46 0.01 20.25
CA TYR A 89 -20.17 0.07 19.58
C TYR A 89 -19.07 -0.29 20.55
N ALA A 90 -17.96 -0.74 19.99
CA ALA A 90 -16.76 -1.00 20.79
C ALA A 90 -15.59 -0.30 20.13
N VAL A 91 -14.72 0.27 20.95
CA VAL A 91 -13.52 0.97 20.52
C VAL A 91 -12.33 0.19 21.09
N LYS A 92 -11.44 -0.24 20.22
CA LYS A 92 -10.35 -1.16 20.52
C LYS A 92 -9.03 -0.47 20.22
N ILE A 93 -8.04 -0.67 21.08
CA ILE A 93 -6.67 -0.25 20.84
C ILE A 93 -5.81 -1.51 20.89
N PRO A 94 -5.44 -2.03 19.71
CA PRO A 94 -4.75 -3.33 19.66
C PRO A 94 -3.44 -3.34 20.42
N HIS A 95 -2.61 -2.30 20.31
CA HIS A 95 -1.29 -2.45 20.92
C HIS A 95 -1.35 -2.45 22.46
N SER A 96 -2.43 -2.01 23.07
CA SER A 96 -2.59 -2.11 24.51
C SER A 96 -3.55 -3.23 24.88
N ASN A 97 -4.09 -3.93 23.89
CA ASN A 97 -5.13 -4.94 24.10
C ASN A 97 -6.31 -4.37 24.87
N LYS A 98 -6.68 -3.13 24.60
CA LYS A 98 -7.77 -2.51 25.35
C LYS A 98 -9.01 -2.45 24.49
N ILE A 99 -10.18 -2.65 25.09
CA ILE A 99 -11.45 -2.48 24.39
C ILE A 99 -12.43 -1.78 25.33
N PHE A 100 -13.24 -0.88 24.79
CA PHE A 100 -14.18 -0.08 25.55
C PHE A 100 -15.53 -0.17 24.87
N TYR A 101 -16.58 -0.43 25.64
CA TYR A 101 -17.92 -0.60 25.09
C TYR A 101 -18.78 0.62 25.42
N ASN A 102 -19.40 1.20 24.39
CA ASN A 102 -20.42 2.24 24.56
C ASN A 102 -19.82 3.33 25.45
N LEU A 103 -20.53 3.82 26.46
CA LEU A 103 -19.99 4.76 27.42
C LEU A 103 -19.72 4.13 28.78
N ASP A 104 -19.54 2.81 28.83
CA ASP A 104 -19.24 2.11 30.08
C ASP A 104 -18.00 2.69 30.75
N GLY A 105 -18.13 3.13 32.00
CA GLY A 105 -17.02 3.72 32.72
C GLY A 105 -16.95 5.22 32.60
N ILE A 106 -17.68 5.82 31.66
CA ILE A 106 -17.79 7.27 31.50
C ILE A 106 -19.12 7.75 32.04
N GLU A 107 -20.22 7.21 31.50
CA GLU A 107 -21.59 7.60 31.87
C GLU A 107 -22.40 6.35 32.21
N GLU A 121 -28.01 -10.16 23.18
CA GLU A 121 -29.30 -9.80 22.61
C GLU A 121 -29.28 -8.34 22.19
N LYS A 122 -29.80 -7.47 23.05
CA LYS A 122 -29.65 -6.04 22.90
C LYS A 122 -28.26 -5.58 23.28
N ASP A 123 -27.33 -6.54 23.39
CA ASP A 123 -25.94 -6.32 23.73
C ASP A 123 -25.01 -6.67 22.57
N LYS A 124 -25.56 -7.03 21.41
CA LYS A 124 -24.75 -7.29 20.25
C LYS A 124 -24.11 -6.00 19.76
N ILE A 125 -22.82 -6.07 19.43
CA ILE A 125 -22.08 -4.89 18.98
C ILE A 125 -22.41 -4.62 17.52
N ALA A 126 -22.87 -3.39 17.22
CA ALA A 126 -23.15 -3.06 15.83
C ALA A 126 -21.87 -2.74 15.07
N ILE A 127 -20.87 -2.15 15.72
CA ILE A 127 -19.61 -1.84 15.04
C ILE A 127 -18.47 -1.90 16.06
N GLU A 128 -17.37 -2.48 15.63
CA GLU A 128 -16.11 -2.45 16.36
C GLU A 128 -15.11 -1.57 15.60
N ILE A 129 -14.56 -0.59 16.29
CA ILE A 129 -13.68 0.44 15.74
C ILE A 129 -12.29 0.25 16.35
N SER A 130 -11.29 -0.04 15.53
CA SER A 130 -9.91 -0.17 16.01
C SER A 130 -9.14 1.10 15.71
N LEU A 131 -8.34 1.56 16.68
CA LEU A 131 -7.56 2.78 16.54
C LEU A 131 -6.09 2.43 16.32
N LEU A 132 -5.52 2.90 15.22
CA LEU A 132 -4.16 2.58 14.77
C LEU A 132 -3.31 3.83 14.60
N SER A 133 -2.00 3.66 14.70
CA SER A 133 -1.08 4.75 14.45
C SER A 133 0.23 4.18 13.89
N ASN A 134 1.18 5.06 13.61
CA ASN A 134 2.40 4.64 12.91
C ASN A 134 3.14 3.52 13.64
N ARG A 135 3.18 3.57 14.98
CA ARG A 135 3.85 2.52 15.73
C ARG A 135 3.25 1.15 15.44
N ASP A 136 2.00 1.08 14.99
CA ASP A 136 1.38 -0.19 14.70
C ASP A 136 1.80 -0.76 13.35
N GLY A 137 2.61 -0.05 12.57
CA GLY A 137 2.99 -0.55 11.26
C GLY A 137 4.37 -1.16 11.19
N ARG A 138 5.31 -0.47 10.52
CA ARG A 138 6.63 -1.06 10.31
C ARG A 138 7.33 -1.34 11.63
N GLU A 139 7.16 -0.45 12.62
CA GLU A 139 7.80 -0.65 13.91
C GLU A 139 7.35 -1.95 14.55
N THR A 140 6.08 -2.30 14.38
CA THR A 140 5.54 -3.54 14.93
C THR A 140 6.06 -4.76 14.18
N ILE A 141 6.26 -4.63 12.87
CA ILE A 141 6.88 -5.74 12.13
C ILE A 141 8.33 -5.94 12.58
N VAL A 142 9.09 -4.85 12.78
CA VAL A 142 10.47 -5.00 13.25
C VAL A 142 10.49 -5.69 14.61
N ASP A 143 9.60 -5.27 15.51
CA ASP A 143 9.49 -5.94 16.82
C ASP A 143 9.15 -7.41 16.66
N LEU A 144 8.26 -7.77 15.73
CA LEU A 144 7.97 -9.18 15.50
C LEU A 144 9.19 -9.95 14.98
N THR A 145 9.95 -9.36 14.07
CA THR A 145 11.15 -10.08 13.60
C THR A 145 12.12 -10.30 14.76
N LYS A 146 12.24 -9.31 15.66
CA LYS A 146 13.09 -9.50 16.84
C LYS A 146 12.57 -10.60 17.72
N THR A 147 11.25 -10.63 17.94
CA THR A 147 10.65 -11.69 18.75
C THR A 147 10.95 -13.08 18.18
N MET A 148 10.83 -13.24 16.85
CA MET A 148 11.07 -14.56 16.27
C MET A 148 12.54 -14.94 16.30
N ALA A 149 13.42 -13.96 16.06
CA ALA A 149 14.85 -14.23 16.21
C ALA A 149 15.18 -14.63 17.63
N GLU A 150 14.61 -13.98 18.62
CA GLU A 150 14.89 -14.34 20.00
C GLU A 150 14.36 -15.74 20.31
N LEU A 151 13.17 -16.07 19.82
CA LEU A 151 12.64 -17.44 20.00
C LEU A 151 13.54 -18.48 19.33
N ALA A 152 14.06 -18.20 18.14
CA ALA A 152 14.99 -19.14 17.53
C ALA A 152 16.28 -19.25 18.34
N ALA A 153 16.78 -18.11 18.85
CA ALA A 153 18.02 -18.12 19.61
C ALA A 153 17.89 -18.89 20.92
N VAL A 154 16.69 -19.02 21.48
CA VAL A 154 16.51 -19.83 22.69
C VAL A 154 15.92 -21.20 22.36
N ASN A 155 15.93 -21.58 21.08
CA ASN A 155 15.53 -22.90 20.59
C ASN A 155 14.06 -23.23 20.88
N GLU A 156 13.20 -22.21 20.93
CA GLU A 156 11.76 -22.40 20.99
C GLU A 156 11.07 -22.29 19.64
N LEU A 157 11.78 -21.90 18.59
CA LEU A 157 11.21 -21.76 17.25
C LEU A 157 12.25 -22.23 16.25
N SER A 158 11.90 -23.18 15.39
CA SER A 158 12.78 -23.57 14.30
C SER A 158 12.73 -22.51 13.22
N VAL A 159 13.90 -22.20 12.65
CA VAL A 159 13.96 -21.22 11.58
C VAL A 159 13.03 -21.61 10.44
N SER A 160 12.95 -22.91 10.13
CA SER A 160 12.09 -23.37 9.05
C SER A 160 10.60 -23.28 9.38
N ASP A 161 10.24 -23.06 10.65
CA ASP A 161 8.84 -22.79 11.02
C ASP A 161 8.49 -21.31 10.92
N ILE A 162 9.43 -20.46 10.56
CA ILE A 162 9.08 -19.06 10.28
C ILE A 162 8.51 -19.04 8.87
N THR A 163 7.19 -18.95 8.78
CA THR A 163 6.47 -19.04 7.53
C THR A 163 5.59 -17.81 7.33
N MET A 164 5.10 -17.68 6.11
CA MET A 164 4.12 -16.64 5.82
C MET A 164 2.89 -16.77 6.71
N ASP A 165 2.41 -18.01 6.92
CA ASP A 165 1.23 -18.21 7.75
C ASP A 165 1.47 -17.74 9.17
N LEU A 166 2.67 -17.99 9.71
CA LEU A 166 2.97 -17.58 11.07
C LEU A 166 3.03 -16.07 11.20
N VAL A 167 3.74 -15.41 10.28
CA VAL A 167 3.83 -13.95 10.32
C VAL A 167 2.45 -13.34 10.12
N ASP A 168 1.68 -13.88 9.18
CA ASP A 168 0.30 -13.44 8.93
C ASP A 168 -0.53 -13.51 10.21
N SER A 169 -0.54 -14.67 10.87
CA SER A 169 -1.43 -14.82 12.01
C SER A 169 -0.96 -13.95 13.17
N GLU A 170 0.35 -13.83 13.36
CA GLU A 170 0.87 -12.97 14.41
C GLU A 170 0.46 -11.52 14.18
N LEU A 171 0.66 -11.01 12.96
CA LEU A 171 0.31 -9.61 12.70
C LEU A 171 -1.21 -9.40 12.73
N LYS A 172 -1.98 -10.42 12.36
CA LYS A 172 -3.43 -10.30 12.44
C LYS A 172 -3.85 -10.15 13.90
N GLN A 173 -3.19 -10.88 14.80
CA GLN A 173 -3.51 -10.74 16.22
C GLN A 173 -2.97 -9.43 16.79
N LEU A 174 -1.77 -9.01 16.40
CA LEU A 174 -1.16 -7.80 16.96
C LEU A 174 -1.87 -6.54 16.48
N VAL A 175 -2.23 -6.51 15.19
CA VAL A 175 -2.71 -5.30 14.55
C VAL A 175 -4.19 -5.42 14.16
N GLY A 176 -4.57 -6.49 13.48
CA GLY A 176 -5.93 -6.67 13.05
C GLY A 176 -6.01 -7.24 11.64
N PRO A 177 -7.20 -7.63 11.19
CA PRO A 177 -7.34 -8.20 9.85
C PRO A 177 -7.25 -7.13 8.78
N GLU A 178 -7.08 -7.59 7.55
CA GLU A 178 -6.93 -6.72 6.40
C GLU A 178 -8.23 -6.00 6.07
N PRO A 179 -8.21 -4.69 5.83
CA PRO A 179 -9.40 -3.99 5.35
C PRO A 179 -9.67 -4.26 3.87
N ASP A 180 -10.95 -4.33 3.52
CA ASP A 180 -11.30 -4.47 2.10
C ASP A 180 -11.15 -3.16 1.34
N LEU A 181 -11.43 -2.04 1.98
CA LEU A 181 -11.43 -0.73 1.34
C LEU A 181 -10.83 0.25 2.32
N LEU A 182 -9.98 1.13 1.82
CA LEU A 182 -9.38 2.18 2.63
C LEU A 182 -9.69 3.52 2.00
N LEU A 183 -10.28 4.42 2.80
CA LEU A 183 -10.66 5.76 2.37
C LEU A 183 -9.63 6.76 2.84
N TYR A 184 -9.25 7.67 1.94
CA TYR A 184 -8.34 8.75 2.26
C TYR A 184 -9.00 10.05 1.82
N PHE A 185 -9.03 11.05 2.71
CA PHE A 185 -9.79 12.27 2.47
C PHE A 185 -8.90 13.47 2.16
N GLY A 186 -7.65 13.24 1.80
CA GLY A 186 -6.79 14.33 1.34
C GLY A 186 -6.61 14.30 -0.16
N PRO A 187 -5.84 15.25 -0.71
CA PRO A 187 -5.82 15.43 -2.16
C PRO A 187 -4.91 14.48 -2.88
N SER A 188 -4.01 13.80 -2.18
CA SER A 188 -3.05 12.90 -2.83
C SER A 188 -2.70 11.77 -1.87
N LEU A 189 -2.89 10.53 -2.32
CA LEU A 189 -2.87 9.40 -1.40
C LEU A 189 -1.54 9.33 -0.69
N ASP A 190 -1.59 9.39 0.63
CA ASP A 190 -0.38 9.34 1.45
C ASP A 190 -0.67 8.32 2.53
N LEU A 191 0.01 7.16 2.47
CA LEU A 191 -0.28 6.10 3.43
C LEU A 191 0.15 6.48 4.83
N GLN A 192 1.16 7.36 4.94
CA GLN A 192 1.72 7.89 6.19
C GLN A 192 1.77 6.86 7.30
N GLY A 193 2.38 5.72 7.00
CA GLY A 193 2.68 4.71 7.99
C GLY A 193 1.60 3.66 8.20
N PHE A 194 0.47 3.74 7.49
CA PHE A 194 -0.61 2.76 7.66
C PHE A 194 -0.04 1.34 7.59
N PRO A 195 -0.41 0.45 8.52
CA PRO A 195 0.24 -0.87 8.61
C PRO A 195 0.28 -1.58 7.27
N PRO A 196 1.49 -1.83 6.75
CA PRO A 196 1.63 -2.24 5.35
C PRO A 196 1.51 -3.74 5.08
N TRP A 197 1.44 -4.59 6.11
CA TRP A 197 1.38 -6.01 5.85
C TRP A 197 0.01 -6.43 5.29
N HIS A 198 -1.05 -6.23 6.06
CA HIS A 198 -2.36 -6.71 5.63
C HIS A 198 -3.08 -5.63 4.80
N ILE A 199 -2.46 -5.28 3.68
CA ILE A 199 -3.11 -4.49 2.64
C ILE A 199 -2.75 -5.13 1.29
N ARG A 200 -2.81 -6.46 1.25
CA ARG A 200 -2.48 -7.19 0.02
C ARG A 200 -3.43 -6.84 -1.10
N LEU A 201 -4.74 -6.92 -0.81
CA LEU A 201 -5.81 -6.74 -1.77
C LEU A 201 -6.70 -5.54 -1.45
N THR A 202 -6.36 -4.77 -0.41
CA THR A 202 -7.16 -3.59 -0.06
C THR A 202 -7.26 -2.67 -1.26
N GLU A 203 -8.47 -2.19 -1.56
CA GLU A 203 -8.66 -1.15 -2.56
C GLU A 203 -8.60 0.20 -1.87
N PHE A 204 -7.97 1.18 -2.53
CA PHE A 204 -7.84 2.52 -1.98
C PHE A 204 -8.74 3.50 -2.71
N TYR A 205 -9.29 4.46 -1.97
CA TYR A 205 -10.12 5.47 -2.62
C TYR A 205 -9.76 6.84 -2.09
N TRP A 206 -9.64 7.79 -3.03
CA TRP A 206 -9.56 9.20 -2.68
C TRP A 206 -9.90 10.00 -3.93
N GLU A 207 -10.01 11.32 -3.76
CA GLU A 207 -10.47 12.20 -4.81
C GLU A 207 -9.45 13.32 -4.98
N LYS A 208 -9.07 13.58 -6.23
CA LYS A 208 -7.92 14.44 -6.54
C LYS A 208 -8.06 15.83 -5.93
N ASP A 209 -9.26 16.38 -5.88
CA ASP A 209 -9.36 17.73 -5.32
C ASP A 209 -9.39 17.74 -3.80
N ASN A 210 -9.85 16.65 -3.19
CA ASN A 210 -10.51 16.76 -1.90
C ASN A 210 -9.53 17.02 -0.76
N ASN A 211 -9.96 17.85 0.21
CA ASN A 211 -9.14 18.05 1.38
C ASN A 211 -9.97 18.13 2.65
N GLU A 212 -11.10 17.43 2.69
CA GLU A 212 -11.93 17.45 3.88
C GLU A 212 -12.66 16.12 4.00
N VAL A 213 -12.99 15.77 5.23
CA VAL A 213 -13.74 14.55 5.53
C VAL A 213 -15.22 14.91 5.35
N ILE A 214 -15.81 14.52 4.21
CA ILE A 214 -17.20 14.85 3.91
C ILE A 214 -17.90 13.60 3.43
N TYR A 215 -19.21 13.57 3.65
CA TYR A 215 -20.01 12.38 3.40
C TYR A 215 -20.00 11.98 1.93
N SER A 216 -20.03 12.95 1.02
CA SER A 216 -20.17 12.63 -0.40
C SER A 216 -18.96 11.83 -0.91
N VAL A 217 -17.78 12.07 -0.33
CA VAL A 217 -16.59 11.29 -0.69
C VAL A 217 -16.68 9.87 -0.14
N PHE A 218 -17.12 9.73 1.11
CA PHE A 218 -17.38 8.41 1.67
C PHE A 218 -18.33 7.62 0.76
N ILE A 219 -19.41 8.26 0.33
CA ILE A 219 -20.42 7.56 -0.46
C ILE A 219 -19.87 7.18 -1.83
N ARG A 220 -19.17 8.11 -2.49
CA ARG A 220 -18.60 7.78 -3.79
C ARG A 220 -17.55 6.68 -3.66
N GLY A 221 -16.83 6.61 -2.54
CA GLY A 221 -15.89 5.51 -2.34
C GLY A 221 -16.59 4.17 -2.23
N LEU A 222 -17.68 4.11 -1.45
CA LEU A 222 -18.44 2.87 -1.40
C LEU A 222 -19.08 2.52 -2.75
N ARG A 223 -19.55 3.52 -3.49
CA ARG A 223 -20.14 3.22 -4.80
C ARG A 223 -19.09 2.67 -5.75
N GLN A 224 -17.90 3.26 -5.74
CA GLN A 224 -16.78 2.72 -6.52
C GLN A 224 -16.49 1.27 -6.13
N TYR A 225 -16.40 1.00 -4.83
CA TYR A 225 -16.14 -0.37 -4.38
C TYR A 225 -17.23 -1.32 -4.83
N ALA A 226 -18.49 -0.87 -4.81
CA ALA A 226 -19.61 -1.74 -5.16
C ALA A 226 -19.61 -2.10 -6.64
N GLY A 227 -19.21 -1.17 -7.51
CA GLY A 227 -19.23 -1.43 -8.94
C GLY A 227 -20.09 -0.49 -9.76
N CYS A 228 -20.45 0.67 -9.21
CA CYS A 228 -21.23 1.67 -9.91
C CYS A 228 -20.31 2.43 -10.87
N LYS A 229 -20.88 3.39 -11.61
CA LYS A 229 -20.16 3.98 -12.75
C LYS A 229 -19.29 5.16 -12.32
N LYS B 10 9.77 19.17 -12.37
CA LYS B 10 9.92 18.16 -11.33
C LYS B 10 9.38 16.79 -11.78
N ILE B 11 10.29 15.90 -12.18
CA ILE B 11 9.95 14.53 -12.58
C ILE B 11 10.40 13.56 -11.49
N PRO B 12 9.70 12.45 -11.26
CA PRO B 12 10.19 11.48 -10.28
C PRO B 12 11.55 10.94 -10.72
N LYS B 13 12.45 10.76 -9.76
CA LYS B 13 13.70 10.08 -10.09
C LYS B 13 13.44 8.58 -10.28
N ARG B 14 12.51 8.01 -9.53
CA ARG B 14 12.22 6.58 -9.59
C ARG B 14 10.73 6.37 -9.77
N LEU B 15 10.39 5.72 -10.87
CA LEU B 15 9.01 5.47 -11.27
C LEU B 15 8.73 3.99 -11.11
N ALA B 16 7.53 3.66 -10.62
CA ALA B 16 7.03 2.30 -10.57
C ALA B 16 5.70 2.23 -11.31
N ALA B 17 5.39 1.06 -11.88
CA ALA B 17 4.10 0.80 -12.47
C ALA B 17 3.67 -0.59 -12.06
N ILE B 18 2.42 -0.73 -11.68
CA ILE B 18 1.83 -2.04 -11.46
C ILE B 18 1.07 -2.40 -12.73
N LEU B 19 1.36 -3.57 -13.28
CA LEU B 19 0.68 -4.05 -14.47
C LEU B 19 -0.18 -5.25 -14.13
N GLU B 20 -1.34 -5.35 -14.77
CA GLU B 20 -2.24 -6.49 -14.62
C GLU B 20 -2.37 -7.20 -15.95
N VAL B 21 -2.43 -8.50 -15.90
CA VAL B 21 -2.62 -9.27 -17.12
C VAL B 21 -4.12 -9.45 -17.35
N LYS B 22 -4.52 -9.31 -18.60
CA LYS B 22 -5.91 -9.39 -19.01
C LYS B 22 -6.18 -10.73 -19.69
N PRO B 23 -7.46 -11.13 -19.82
CA PRO B 23 -7.76 -12.43 -20.42
C PRO B 23 -7.03 -12.62 -21.74
N VAL B 24 -6.50 -13.84 -21.96
CA VAL B 24 -5.67 -14.09 -23.14
C VAL B 24 -6.50 -13.95 -24.42
N GLY B 25 -7.83 -14.14 -24.32
CA GLY B 25 -8.71 -13.92 -25.44
C GLY B 25 -9.11 -12.49 -25.70
N ASP B 26 -8.98 -11.61 -24.70
CA ASP B 26 -9.37 -10.21 -24.88
C ASP B 26 -8.38 -9.47 -25.80
N VAL B 27 -8.87 -8.36 -26.35
CA VAL B 27 -8.07 -7.54 -27.26
C VAL B 27 -6.92 -6.91 -26.48
N GLY B 28 -5.70 -7.14 -26.96
CA GLY B 28 -4.52 -6.66 -26.25
C GLY B 28 -4.37 -7.32 -24.90
N GLY B 29 -4.71 -8.61 -24.82
CA GLY B 29 -4.62 -9.36 -23.59
C GLY B 29 -3.46 -10.33 -23.59
N GLY B 30 -3.45 -11.17 -22.56
CA GLY B 30 -2.43 -12.20 -22.48
C GLY B 30 -1.03 -11.66 -22.23
N VAL B 31 -0.08 -12.60 -22.37
CA VAL B 31 1.33 -12.30 -22.17
C VAL B 31 1.80 -11.28 -23.19
N THR B 32 1.37 -11.45 -24.44
CA THR B 32 1.73 -10.49 -25.48
C THR B 32 1.25 -9.09 -25.12
N GLY B 33 0.02 -8.98 -24.62
CA GLY B 33 -0.48 -7.68 -24.21
C GLY B 33 0.30 -7.09 -23.05
N LEU B 34 0.65 -7.93 -22.07
CA LEU B 34 1.45 -7.45 -20.94
C LEU B 34 2.80 -6.92 -21.41
N LEU B 35 3.47 -7.67 -22.29
CA LEU B 35 4.79 -7.26 -22.76
C LEU B 35 4.70 -5.98 -23.58
N ASN B 36 3.66 -5.85 -24.40
CA ASN B 36 3.52 -4.61 -25.16
C ASN B 36 3.30 -3.44 -24.21
N ASP B 37 2.44 -3.62 -23.18
CA ASP B 37 2.22 -2.55 -22.20
C ASP B 37 3.52 -2.18 -21.49
N ALA B 38 4.29 -3.19 -21.07
CA ALA B 38 5.54 -2.92 -20.38
C ALA B 38 6.48 -2.11 -21.25
N SER B 39 6.62 -2.51 -22.52
CA SER B 39 7.57 -1.82 -23.39
C SER B 39 7.09 -0.42 -23.76
N GLU B 40 5.76 -0.20 -23.82
CA GLU B 40 5.27 1.16 -23.95
C GLU B 40 5.67 2.00 -22.75
N ILE B 41 5.46 1.48 -21.55
CA ILE B 41 5.80 2.29 -20.37
C ILE B 41 7.30 2.59 -20.35
N VAL B 42 8.13 1.63 -20.76
CA VAL B 42 9.57 1.88 -20.86
C VAL B 42 9.84 3.06 -21.79
N ALA B 43 9.25 3.04 -22.98
CA ALA B 43 9.50 4.13 -23.94
C ALA B 43 9.02 5.47 -23.40
N TRP B 44 7.84 5.48 -22.77
CA TRP B 44 7.31 6.71 -22.21
C TRP B 44 8.20 7.23 -21.09
N THR B 45 8.71 6.33 -20.26
CA THR B 45 9.57 6.71 -19.13
C THR B 45 10.87 7.31 -19.62
N VAL B 46 11.53 6.64 -20.57
CA VAL B 46 12.77 7.18 -21.15
C VAL B 46 12.50 8.54 -21.78
N SER B 47 11.40 8.66 -22.51
CA SER B 47 11.10 9.93 -23.16
C SER B 47 10.94 11.05 -22.15
N ALA B 48 10.41 10.75 -20.97
CA ALA B 48 10.27 11.78 -19.95
C ALA B 48 11.58 12.07 -19.22
N GLY B 49 12.68 11.39 -19.57
CA GLY B 49 13.93 11.61 -18.88
C GLY B 49 14.13 10.83 -17.61
N ILE B 50 13.26 9.90 -17.27
CA ILE B 50 13.37 9.13 -16.03
C ILE B 50 14.26 7.91 -16.27
N LYS B 51 15.25 7.70 -15.38
CA LYS B 51 16.28 6.71 -15.60
C LYS B 51 16.10 5.44 -14.77
N HIS B 52 15.07 5.38 -13.93
CA HIS B 52 14.84 4.21 -13.09
C HIS B 52 13.37 3.85 -13.14
N LEU B 53 13.09 2.60 -13.49
CA LEU B 53 11.73 2.12 -13.61
C LEU B 53 11.60 0.78 -12.91
N MET B 54 10.62 0.65 -12.04
CA MET B 54 10.22 -0.66 -11.52
C MET B 54 8.92 -1.07 -12.20
N LEU B 55 8.90 -2.26 -12.81
CA LEU B 55 7.68 -2.85 -13.31
C LEU B 55 7.29 -4.05 -12.45
N TYR B 56 6.04 -4.10 -12.00
CA TYR B 56 5.53 -5.14 -11.13
C TYR B 56 4.34 -5.81 -11.78
N ASP B 57 4.32 -7.14 -11.78
CA ASP B 57 3.07 -7.86 -11.99
C ASP B 57 3.05 -9.04 -11.01
N TYR B 58 1.86 -9.35 -10.49
CA TYR B 58 1.75 -10.21 -9.31
C TYR B 58 2.49 -11.53 -9.49
N ASP B 59 2.28 -12.17 -10.63
CA ASP B 59 2.78 -13.51 -10.84
C ASP B 59 4.17 -13.58 -11.42
N GLY B 60 4.77 -12.45 -11.76
CA GLY B 60 6.10 -12.53 -12.30
C GLY B 60 6.12 -12.98 -13.73
N ILE B 61 5.05 -12.70 -14.48
CA ILE B 61 5.02 -13.04 -15.89
C ILE B 61 6.16 -12.38 -16.65
N LEU B 62 6.48 -11.12 -16.31
CA LEU B 62 7.57 -10.43 -17.02
C LEU B 62 8.90 -11.15 -16.83
N GLN B 63 9.16 -11.60 -15.60
CA GLN B 63 10.40 -12.34 -15.29
C GLN B 63 10.48 -13.66 -16.03
N ARG B 64 9.36 -14.24 -16.45
CA ARG B 64 9.37 -15.50 -17.16
C ARG B 64 9.44 -15.32 -18.67
N ASN B 65 9.42 -14.07 -19.15
CA ASN B 65 9.40 -13.73 -20.56
C ASN B 65 10.44 -12.66 -20.88
N VAL B 66 11.61 -12.76 -20.24
CA VAL B 66 12.63 -11.72 -20.38
C VAL B 66 13.13 -11.58 -21.82
N PRO B 67 13.45 -12.67 -22.55
CA PRO B 67 13.90 -12.48 -23.95
C PRO B 67 12.95 -11.66 -24.79
N GLU B 68 11.67 -12.03 -24.80
CA GLU B 68 10.69 -11.31 -25.59
C GLU B 68 10.54 -9.87 -25.09
N LEU B 69 10.45 -9.68 -23.77
CA LEU B 69 10.42 -8.33 -23.22
C LEU B 69 11.58 -7.50 -23.75
N ARG B 70 12.79 -8.07 -23.72
CA ARG B 70 13.94 -7.29 -24.16
C ARG B 70 13.78 -6.91 -25.61
N MET B 71 13.31 -7.86 -26.44
CA MET B 71 13.10 -7.55 -27.85
C MET B 71 12.05 -6.46 -28.02
N GLU B 72 10.96 -6.56 -27.24
CA GLU B 72 9.89 -5.60 -27.42
C GLU B 72 10.37 -4.22 -27.00
N ILE B 73 11.16 -4.17 -25.91
CA ILE B 73 11.66 -2.87 -25.49
C ILE B 73 12.45 -2.25 -26.62
N HIS B 74 13.35 -3.02 -27.22
CA HIS B 74 14.17 -2.45 -28.28
C HIS B 74 13.30 -1.98 -29.42
N SER B 75 12.33 -2.82 -29.81
CA SER B 75 11.45 -2.46 -30.92
C SER B 75 10.73 -1.16 -30.60
N ASN B 76 10.19 -1.06 -29.38
CA ASN B 76 9.40 0.12 -29.08
C ASN B 76 10.29 1.34 -28.99
N LEU B 77 11.49 1.17 -28.42
CA LEU B 77 12.38 2.32 -28.35
C LEU B 77 12.73 2.78 -29.76
N ALA B 78 12.92 1.83 -30.69
CA ALA B 78 13.25 2.22 -32.06
C ALA B 78 12.11 3.02 -32.68
N LYS B 79 10.88 2.73 -32.27
CA LYS B 79 9.75 3.48 -32.82
C LYS B 79 9.79 4.92 -32.34
N TYR B 80 10.20 5.16 -31.09
CA TYR B 80 10.14 6.50 -30.51
C TYR B 80 11.39 7.33 -30.81
N PHE B 81 12.54 6.68 -30.97
CA PHE B 81 13.80 7.37 -31.09
C PHE B 81 14.46 7.20 -32.45
N GLY B 82 13.94 6.32 -33.32
CA GLY B 82 14.57 6.00 -34.56
C GLY B 82 15.47 4.78 -34.40
N PRO B 83 15.55 3.93 -35.43
CA PRO B 83 16.32 2.68 -35.28
C PRO B 83 17.79 2.92 -34.98
N ALA B 84 18.33 4.09 -35.27
CA ALA B 84 19.75 4.34 -35.05
C ALA B 84 20.06 5.01 -33.72
N HIS B 85 19.05 5.28 -32.90
CA HIS B 85 19.30 6.02 -31.66
C HIS B 85 18.54 5.39 -30.50
N VAL B 86 18.47 4.07 -30.49
CA VAL B 86 17.83 3.38 -29.36
C VAL B 86 18.65 3.65 -28.10
N PRO B 87 18.05 4.23 -27.05
CA PRO B 87 18.80 4.42 -25.80
C PRO B 87 19.27 3.11 -25.22
N ASN B 88 20.41 3.13 -24.53
CA ASN B 88 20.89 1.93 -23.84
C ASN B 88 20.01 1.62 -22.65
N TYR B 89 19.69 0.34 -22.46
CA TYR B 89 18.83 -0.02 -21.35
C TYR B 89 19.35 -1.29 -20.68
N ALA B 90 18.98 -1.43 -19.41
CA ALA B 90 19.30 -2.65 -18.66
C ALA B 90 18.03 -3.16 -18.02
N VAL B 91 17.86 -4.47 -18.02
CA VAL B 91 16.70 -5.13 -17.39
C VAL B 91 17.26 -5.98 -16.26
N LYS B 92 16.82 -5.70 -15.04
CA LYS B 92 17.35 -6.27 -13.82
C LYS B 92 16.24 -7.04 -13.11
N ILE B 93 16.58 -8.20 -12.57
CA ILE B 93 15.65 -8.99 -11.77
C ILE B 93 16.26 -9.14 -10.39
N PRO B 94 15.80 -8.33 -9.42
CA PRO B 94 16.39 -8.36 -8.08
C PRO B 94 16.33 -9.72 -7.41
N HIS B 95 15.22 -10.46 -7.56
CA HIS B 95 15.07 -11.69 -6.79
C HIS B 95 16.14 -12.71 -7.15
N SER B 96 16.50 -12.78 -8.43
CA SER B 96 17.51 -13.73 -8.89
C SER B 96 18.88 -13.08 -9.08
N ASN B 97 19.00 -11.77 -8.82
CA ASN B 97 20.23 -11.03 -9.04
C ASN B 97 20.72 -11.16 -10.47
N LYS B 98 19.80 -11.09 -11.43
CA LYS B 98 20.22 -11.13 -12.83
C LYS B 98 20.10 -9.74 -13.44
N ILE B 99 20.93 -9.47 -14.45
CA ILE B 99 20.82 -8.21 -15.19
C ILE B 99 21.22 -8.49 -16.63
N PHE B 100 20.52 -7.83 -17.57
CA PHE B 100 20.69 -8.00 -19.01
C PHE B 100 20.81 -6.63 -19.65
N TYR B 101 21.77 -6.44 -20.54
CA TYR B 101 21.99 -5.15 -21.17
C TYR B 101 21.55 -5.22 -22.62
N ASN B 102 20.70 -4.28 -23.04
CA ASN B 102 20.34 -4.12 -24.46
C ASN B 102 19.89 -5.47 -25.01
N LEU B 103 20.35 -5.87 -26.19
CA LEU B 103 20.08 -7.18 -26.76
C LEU B 103 21.30 -8.10 -26.69
N ASP B 104 22.23 -7.83 -25.76
CA ASP B 104 23.42 -8.68 -25.60
C ASP B 104 23.03 -10.12 -25.31
N GLY B 105 23.53 -11.04 -26.13
CA GLY B 105 23.18 -12.44 -25.98
C GLY B 105 22.01 -12.89 -26.83
N ILE B 106 21.27 -11.94 -27.40
CA ILE B 106 20.19 -12.23 -28.34
C ILE B 106 20.63 -11.90 -29.77
N GLU B 107 20.95 -10.63 -30.03
CA GLU B 107 21.41 -10.18 -31.33
C GLU B 107 22.62 -9.27 -31.21
N GLU B 121 30.79 6.51 -22.32
CA GLU B 121 29.76 7.48 -22.71
C GLU B 121 28.72 6.88 -23.65
N LYS B 122 29.14 6.41 -24.82
CA LYS B 122 28.20 5.74 -25.72
C LYS B 122 27.79 4.36 -25.22
N ASP B 123 28.16 4.02 -24.00
CA ASP B 123 27.75 2.80 -23.33
C ASP B 123 26.96 3.08 -22.06
N LYS B 124 26.71 4.37 -21.76
CA LYS B 124 25.96 4.76 -20.58
C LYS B 124 24.51 4.29 -20.66
N ILE B 125 24.01 3.77 -19.55
CA ILE B 125 22.65 3.26 -19.48
C ILE B 125 21.67 4.42 -19.33
N ALA B 126 20.72 4.54 -20.28
CA ALA B 126 19.71 5.58 -20.20
C ALA B 126 18.58 5.20 -19.24
N ILE B 127 18.27 3.92 -19.11
CA ILE B 127 17.24 3.50 -18.17
C ILE B 127 17.56 2.10 -17.67
N GLU B 128 17.38 1.94 -16.37
CA GLU B 128 17.42 0.63 -15.72
C GLU B 128 16.00 0.26 -15.31
N ILE B 129 15.55 -0.91 -15.76
CA ILE B 129 14.19 -1.41 -15.55
C ILE B 129 14.28 -2.62 -14.63
N SER B 130 13.68 -2.56 -13.46
CA SER B 130 13.67 -3.68 -12.54
C SER B 130 12.34 -4.40 -12.60
N LEU B 131 12.37 -5.74 -12.64
CA LEU B 131 11.16 -6.54 -12.75
C LEU B 131 10.85 -7.14 -11.38
N LEU B 132 9.67 -6.83 -10.86
CA LEU B 132 9.26 -7.23 -9.53
C LEU B 132 8.00 -8.09 -9.64
N SER B 133 7.79 -8.94 -8.65
CA SER B 133 6.56 -9.71 -8.55
C SER B 133 6.23 -9.88 -7.08
N ASN B 134 5.12 -10.56 -6.81
CA ASN B 134 4.68 -10.76 -5.43
C ASN B 134 5.78 -11.39 -4.58
N ARG B 135 6.59 -12.27 -5.19
CA ARG B 135 7.69 -12.93 -4.47
C ARG B 135 8.67 -11.93 -3.86
N ASP B 136 8.78 -10.74 -4.44
CA ASP B 136 9.66 -9.69 -3.93
C ASP B 136 9.05 -8.94 -2.75
N GLY B 137 7.82 -9.22 -2.36
CA GLY B 137 7.22 -8.42 -1.33
C GLY B 137 7.23 -9.12 0.01
N ARG B 138 6.05 -9.55 0.47
CA ARG B 138 5.93 -10.11 1.82
C ARG B 138 6.77 -11.36 1.99
N GLU B 139 6.80 -12.23 0.98
CA GLU B 139 7.61 -13.45 1.08
C GLU B 139 9.08 -13.12 1.26
N THR B 140 9.53 -12.00 0.70
CA THR B 140 10.92 -11.59 0.89
C THR B 140 11.14 -11.05 2.31
N ILE B 141 10.13 -10.41 2.92
CA ILE B 141 10.25 -10.02 4.32
C ILE B 141 10.33 -11.26 5.21
N VAL B 142 9.54 -12.28 4.89
CA VAL B 142 9.66 -13.56 5.61
C VAL B 142 11.06 -14.15 5.42
N ASP B 143 11.60 -14.12 4.19
CA ASP B 143 12.97 -14.62 3.96
C ASP B 143 13.97 -13.89 4.85
N LEU B 144 13.83 -12.56 4.90
CA LEU B 144 14.75 -11.78 5.72
C LEU B 144 14.60 -12.13 7.19
N THR B 145 13.37 -12.33 7.67
CA THR B 145 13.17 -12.72 9.05
C THR B 145 13.85 -14.04 9.35
N LYS B 146 13.77 -14.99 8.41
CA LYS B 146 14.44 -16.27 8.60
C LYS B 146 15.95 -16.12 8.61
N THR B 147 16.50 -15.31 7.71
CA THR B 147 17.94 -15.08 7.69
C THR B 147 18.43 -14.49 9.01
N MET B 148 17.71 -13.48 9.52
CA MET B 148 18.12 -12.86 10.77
C MET B 148 17.96 -13.81 11.93
N ALA B 149 16.87 -14.59 11.95
CA ALA B 149 16.68 -15.59 13.00
C ALA B 149 17.78 -16.63 13.00
N GLU B 150 18.19 -17.09 11.82
CA GLU B 150 19.24 -18.09 11.75
C GLU B 150 20.56 -17.54 12.28
N LEU B 151 20.92 -16.33 11.86
CA LEU B 151 22.15 -15.71 12.37
C LEU B 151 22.07 -15.45 13.87
N ALA B 152 20.89 -15.04 14.37
CA ALA B 152 20.76 -14.81 15.80
C ALA B 152 20.94 -16.12 16.56
N ALA B 153 20.44 -17.22 15.99
CA ALA B 153 20.51 -18.52 16.65
C ALA B 153 21.94 -19.03 16.80
N VAL B 154 22.88 -18.59 15.96
CA VAL B 154 24.29 -18.94 16.14
C VAL B 154 25.10 -17.76 16.66
N ASN B 155 24.45 -16.69 17.14
CA ASN B 155 25.11 -15.53 17.72
C ASN B 155 26.01 -14.80 16.74
N GLU B 156 25.69 -14.83 15.46
CA GLU B 156 26.37 -13.94 14.53
C GLU B 156 25.66 -12.61 14.44
N LEU B 157 24.48 -12.53 15.03
CA LEU B 157 23.65 -11.34 15.00
C LEU B 157 23.02 -11.26 16.39
N SER B 158 23.24 -10.16 17.09
CA SER B 158 22.55 -9.94 18.36
C SER B 158 21.15 -9.46 18.08
N VAL B 159 20.19 -9.95 18.87
CA VAL B 159 18.82 -9.46 18.73
C VAL B 159 18.77 -7.95 18.85
N SER B 160 19.64 -7.37 19.69
CA SER B 160 19.70 -5.90 19.85
C SER B 160 20.02 -5.19 18.56
N ASP B 161 20.68 -5.87 17.63
CA ASP B 161 21.04 -5.24 16.36
C ASP B 161 19.95 -5.37 15.30
N ILE B 162 18.86 -6.06 15.59
CA ILE B 162 17.73 -6.12 14.67
C ILE B 162 16.93 -4.85 14.89
N THR B 163 17.15 -3.87 14.02
CA THR B 163 16.62 -2.52 14.15
C THR B 163 15.87 -2.13 12.87
N MET B 164 15.12 -1.02 12.96
CA MET B 164 14.51 -0.45 11.76
C MET B 164 15.58 -0.14 10.71
N ASP B 165 16.73 0.42 11.14
CA ASP B 165 17.77 0.76 10.17
C ASP B 165 18.23 -0.48 9.42
N LEU B 166 18.39 -1.60 10.14
CA LEU B 166 18.86 -2.83 9.51
C LEU B 166 17.83 -3.38 8.55
N VAL B 167 16.57 -3.43 8.97
CA VAL B 167 15.54 -3.95 8.08
C VAL B 167 15.44 -3.07 6.84
N ASP B 168 15.47 -1.75 7.04
CA ASP B 168 15.45 -0.80 5.94
C ASP B 168 16.56 -1.11 4.94
N SER B 169 17.80 -1.21 5.42
CA SER B 169 18.90 -1.37 4.47
C SER B 169 18.90 -2.75 3.82
N GLU B 170 18.55 -3.79 4.57
CA GLU B 170 18.49 -5.12 3.97
C GLU B 170 17.43 -5.17 2.87
N LEU B 171 16.24 -4.66 3.14
CA LEU B 171 15.20 -4.73 2.12
C LEU B 171 15.53 -3.82 0.95
N LYS B 172 16.20 -2.70 1.20
CA LYS B 172 16.64 -1.87 0.09
C LYS B 172 17.62 -2.63 -0.79
N GLN B 173 18.52 -3.41 -0.19
CA GLN B 173 19.46 -4.19 -0.98
C GLN B 173 18.77 -5.36 -1.69
N LEU B 174 17.84 -6.04 -1.01
CA LEU B 174 17.20 -7.22 -1.61
C LEU B 174 16.25 -6.85 -2.73
N VAL B 175 15.51 -5.77 -2.57
CA VAL B 175 14.41 -5.45 -3.47
C VAL B 175 14.71 -4.22 -4.31
N GLY B 176 15.17 -3.15 -3.68
CA GLY B 176 15.46 -1.94 -4.41
C GLY B 176 15.02 -0.71 -3.64
N PRO B 177 15.37 0.48 -4.12
CA PRO B 177 14.99 1.71 -3.42
C PRO B 177 13.52 2.03 -3.60
N GLU B 178 13.04 2.97 -2.79
CA GLU B 178 11.63 3.37 -2.84
C GLU B 178 11.30 4.13 -4.11
N PRO B 179 10.20 3.80 -4.81
CA PRO B 179 9.78 4.63 -5.95
C PRO B 179 9.20 5.95 -5.49
N ASP B 180 9.46 7.00 -6.26
CA ASP B 180 8.85 8.30 -5.98
C ASP B 180 7.41 8.34 -6.41
N LEU B 181 7.10 7.66 -7.50
CA LEU B 181 5.72 7.70 -8.00
C LEU B 181 5.36 6.31 -8.49
N LEU B 182 4.14 5.87 -8.19
CA LEU B 182 3.68 4.56 -8.62
C LEU B 182 2.41 4.76 -9.44
N LEU B 183 2.42 4.25 -10.67
CA LEU B 183 1.32 4.35 -11.61
C LEU B 183 0.55 3.05 -11.64
N TYR B 184 -0.78 3.16 -11.65
CA TYR B 184 -1.67 2.01 -11.73
C TYR B 184 -2.70 2.28 -12.83
N PHE B 185 -2.89 1.30 -13.73
CA PHE B 185 -3.72 1.53 -14.91
C PHE B 185 -5.05 0.80 -14.85
N GLY B 186 -5.48 0.39 -13.66
CA GLY B 186 -6.81 -0.13 -13.49
C GLY B 186 -7.70 0.87 -12.78
N PRO B 187 -8.96 0.49 -12.57
CA PRO B 187 -9.95 1.47 -12.08
C PRO B 187 -9.99 1.71 -10.58
N SER B 188 -9.56 0.77 -9.75
CA SER B 188 -9.52 0.98 -8.30
C SER B 188 -8.17 0.53 -7.79
N LEU B 189 -7.40 1.45 -7.22
CA LEU B 189 -6.02 1.14 -6.82
C LEU B 189 -5.99 -0.02 -5.84
N ASP B 190 -5.24 -1.04 -6.24
CA ASP B 190 -5.00 -2.27 -5.49
C ASP B 190 -3.50 -2.54 -5.63
N LEU B 191 -2.74 -2.48 -4.52
CA LEU B 191 -1.29 -2.70 -4.62
C LEU B 191 -0.94 -4.14 -5.01
N GLN B 192 -1.86 -5.08 -4.77
CA GLN B 192 -1.74 -6.50 -5.14
C GLN B 192 -0.34 -7.06 -4.97
N GLY B 193 0.21 -6.89 -3.77
CA GLY B 193 1.45 -7.51 -3.36
C GLY B 193 2.70 -6.72 -3.65
N PHE B 194 2.57 -5.55 -4.26
CA PHE B 194 3.74 -4.71 -4.52
C PHE B 194 4.57 -4.57 -3.25
N PRO B 195 5.88 -4.68 -3.33
CA PRO B 195 6.74 -4.71 -2.11
C PRO B 195 6.40 -3.56 -1.18
N PRO B 196 5.88 -3.87 0.01
CA PRO B 196 5.25 -2.83 0.84
C PRO B 196 6.16 -2.07 1.79
N TRP B 197 7.43 -2.46 1.94
CA TRP B 197 8.25 -1.82 2.96
C TRP B 197 8.63 -0.41 2.54
N HIS B 198 9.35 -0.29 1.45
CA HIS B 198 9.86 0.98 0.96
C HIS B 198 8.86 1.61 -0.02
N ILE B 199 7.69 1.96 0.51
CA ILE B 199 6.78 2.84 -0.20
C ILE B 199 6.24 3.87 0.79
N ARG B 200 7.11 4.33 1.69
CA ARG B 200 6.68 5.21 2.78
C ARG B 200 6.14 6.53 2.24
N LEU B 201 6.88 7.18 1.34
CA LEU B 201 6.51 8.50 0.82
C LEU B 201 6.11 8.46 -0.65
N THR B 202 6.01 7.27 -1.22
CA THR B 202 5.62 7.11 -2.60
C THR B 202 4.27 7.79 -2.87
N GLU B 203 4.20 8.51 -3.98
CA GLU B 203 2.93 9.06 -4.45
C GLU B 203 2.29 8.07 -5.42
N PHE B 204 0.96 8.02 -5.42
CA PHE B 204 0.23 7.01 -6.19
C PHE B 204 -0.68 7.71 -7.19
N TYR B 205 -0.81 7.15 -8.37
CA TYR B 205 -1.71 7.74 -9.35
C TYR B 205 -2.45 6.66 -10.12
N TRP B 206 -3.75 6.86 -10.27
CA TRP B 206 -4.57 6.07 -11.19
C TRP B 206 -5.80 6.89 -11.50
N GLU B 207 -6.62 6.39 -12.43
CA GLU B 207 -7.83 7.10 -12.83
C GLU B 207 -9.03 6.19 -12.65
N LYS B 208 -10.06 6.73 -11.99
CA LYS B 208 -11.21 5.95 -11.53
C LYS B 208 -11.91 5.23 -12.68
N ASP B 209 -11.94 5.83 -13.86
CA ASP B 209 -12.62 5.16 -14.97
C ASP B 209 -11.76 4.08 -15.63
N ASN B 210 -10.45 4.17 -15.49
CA ASN B 210 -9.52 3.60 -16.46
C ASN B 210 -9.32 2.10 -16.29
N ASN B 211 -9.19 1.39 -17.41
CA ASN B 211 -8.85 -0.02 -17.33
C ASN B 211 -7.86 -0.44 -18.41
N GLU B 212 -6.99 0.46 -18.85
CA GLU B 212 -6.03 0.13 -19.90
C GLU B 212 -4.75 0.94 -19.72
N VAL B 213 -3.65 0.39 -20.21
CA VAL B 213 -2.36 1.07 -20.17
C VAL B 213 -2.31 2.00 -21.38
N ILE B 214 -2.53 3.30 -21.15
CA ILE B 214 -2.53 4.26 -22.25
C ILE B 214 -1.69 5.45 -21.86
N TYR B 215 -1.14 6.11 -22.88
CA TYR B 215 -0.19 7.19 -22.69
C TYR B 215 -0.81 8.36 -21.94
N SER B 216 -2.08 8.70 -22.22
CA SER B 216 -2.67 9.88 -21.60
C SER B 216 -2.73 9.73 -20.07
N VAL B 217 -2.94 8.50 -19.57
CA VAL B 217 -2.94 8.27 -18.12
C VAL B 217 -1.53 8.43 -17.54
N PHE B 218 -0.53 7.90 -18.23
CA PHE B 218 0.87 8.10 -17.84
C PHE B 218 1.20 9.58 -17.72
N ILE B 219 0.84 10.35 -18.75
CA ILE B 219 1.18 11.76 -18.79
C ILE B 219 0.45 12.52 -17.70
N ARG B 220 -0.83 12.24 -17.51
CA ARG B 220 -1.57 12.92 -16.45
C ARG B 220 -0.98 12.57 -15.10
N GLY B 221 -0.46 11.36 -14.94
CA GLY B 221 0.20 10.98 -13.68
C GLY B 221 1.45 11.79 -13.41
N LEU B 222 2.31 11.93 -14.43
CA LEU B 222 3.50 12.77 -14.28
C LEU B 222 3.12 14.23 -14.02
N ARG B 223 2.07 14.73 -14.69
CA ARG B 223 1.65 16.11 -14.45
C ARG B 223 1.16 16.29 -13.03
N GLN B 224 0.38 15.32 -12.52
CA GLN B 224 -0.03 15.37 -11.13
C GLN B 224 1.19 15.41 -10.20
N TYR B 225 2.16 14.54 -10.45
CA TYR B 225 3.34 14.50 -9.60
C TYR B 225 4.04 15.85 -9.63
N ALA B 226 4.12 16.49 -10.80
CA ALA B 226 4.82 17.77 -10.89
C ALA B 226 4.07 18.85 -10.13
N GLY B 227 2.74 18.84 -10.22
CA GLY B 227 1.93 19.84 -9.56
C GLY B 227 1.15 20.66 -10.55
N CYS B 228 0.99 20.17 -11.78
CA CYS B 228 0.36 20.97 -12.82
C CYS B 228 -1.15 21.04 -12.64
N LYS B 229 -1.75 21.98 -13.37
CA LYS B 229 -3.12 22.40 -13.14
C LYS B 229 -4.11 21.67 -14.03
S SO4 C . 1.66 -13.66 -0.17
O1 SO4 C . 2.82 -14.23 -0.82
O2 SO4 C . 1.43 -14.37 1.09
O3 SO4 C . 1.91 -12.24 0.08
O4 SO4 C . 0.49 -13.83 -1.03
S SO4 D . 9.08 4.39 10.25
O1 SO4 D . 8.30 4.08 11.45
O2 SO4 D . 10.49 4.03 10.47
O3 SO4 D . 8.99 5.81 9.93
O4 SO4 D . 8.57 3.64 9.11
#